data_4RGB
#
_entry.id   4RGB
#
_cell.length_a   82.530
_cell.length_b   106.370
_cell.length_c   135.870
_cell.angle_alpha   90.00
_cell.angle_beta   90.00
_cell.angle_gamma   90.00
#
_symmetry.space_group_name_H-M   'C 2 2 21'
#
loop_
_entity.id
_entity.type
_entity.pdbx_description
1 polymer 'Carveol dehydrogenase'
2 non-polymer NICOTINAMIDE-ADENINE-DINUCLEOTIDE
3 water water
#
_entity_poly.entity_id   1
_entity_poly.type   'polypeptide(L)'
_entity_poly.pdbx_seq_one_letter_code
;GPGSMLRAANLDRSPEEYGMGSLDGRVVFITGAARGQGRSHAVMCAEQGANIVGVDICEDIDIVPYKLGTYEELEETARL
VEKTGQEMLFRKADVRDKAVLQEVFDAGVEQFGHIDTVIANAGVVLTNPDERDASEALRLGLDIMLIGVWNTFQVAIPHM
KERGQGGNLIATSSMIALLDLTDGRGGTDAYLTSKLAITGLVRSYALMLAADRIRVNGVAPTNCSTPMITENPALFKVIE
ENPHLVNAMSTALPDFPMIEPRDVSNAILFLISDAGRSFTGSVLKVDAGMDVKR
;
_entity_poly.pdbx_strand_id   A,B
#
loop_
_chem_comp.id
_chem_comp.type
_chem_comp.name
_chem_comp.formula
NAD non-polymer NICOTINAMIDE-ADENINE-DINUCLEOTIDE 'C21 H27 N7 O14 P2'
#
# COMPACT_ATOMS: atom_id res chain seq x y z
N GLY A 21 -20.29 -8.39 1.45
CA GLY A 21 -19.06 -7.65 1.04
C GLY A 21 -18.10 -7.41 2.19
N SER A 22 -16.99 -6.77 1.88
CA SER A 22 -15.94 -6.52 2.84
C SER A 22 -16.30 -5.48 3.92
N LEU A 23 -17.38 -4.73 3.71
CA LEU A 23 -17.71 -3.65 4.61
C LEU A 23 -19.10 -3.82 5.23
N ASP A 24 -19.48 -5.06 5.46
CA ASP A 24 -20.79 -5.33 6.02
C ASP A 24 -20.93 -4.81 7.44
N GLY A 25 -21.97 -4.03 7.71
CA GLY A 25 -22.18 -3.42 9.01
C GLY A 25 -21.37 -2.16 9.24
N ARG A 26 -20.63 -1.73 8.23
CA ARG A 26 -19.76 -0.54 8.37
C ARG A 26 -20.51 0.72 8.00
N VAL A 27 -20.05 1.85 8.54
CA VAL A 27 -20.61 3.17 8.24
C VAL A 27 -19.48 4.15 8.00
N VAL A 28 -19.46 4.72 6.79
CA VAL A 28 -18.37 5.57 6.35
C VAL A 28 -18.81 7.05 6.21
N PHE A 29 -18.11 7.96 6.88
CA PHE A 29 -18.25 9.42 6.75
C PHE A 29 -17.26 9.93 5.70
N ILE A 30 -17.77 10.58 4.66
CA ILE A 30 -16.97 10.99 3.51
C ILE A 30 -17.16 12.49 3.23
N THR A 31 -16.07 13.24 3.18
CA THR A 31 -16.16 14.65 2.82
C THR A 31 -15.88 14.75 1.33
N GLY A 32 -16.52 15.73 0.68
CA GLY A 32 -16.38 15.93 -0.76
C GLY A 32 -17.07 14.90 -1.62
N ALA A 33 -18.21 14.39 -1.16
CA ALA A 33 -18.92 13.27 -1.80
C ALA A 33 -19.79 13.61 -3.01
N ALA A 34 -19.84 14.87 -3.42
CA ALA A 34 -20.75 15.25 -4.53
C ALA A 34 -20.39 14.54 -5.84
N ARG A 35 -19.09 14.38 -6.07
CA ARG A 35 -18.61 13.81 -7.31
C ARG A 35 -17.20 13.23 -7.16
N GLY A 36 -16.58 12.93 -8.30
CA GLY A 36 -15.14 12.60 -8.36
C GLY A 36 -14.80 11.44 -7.48
N GLN A 37 -13.69 11.56 -6.75
CA GLN A 37 -13.22 10.46 -5.91
C GLN A 37 -14.15 10.23 -4.72
N GLY A 38 -14.68 11.31 -4.13
CA GLY A 38 -15.63 11.18 -3.01
C GLY A 38 -16.87 10.37 -3.35
N ARG A 39 -17.42 10.61 -4.53
CA ARG A 39 -18.57 9.87 -5.01
C ARG A 39 -18.19 8.42 -5.26
N SER A 40 -17.07 8.23 -5.92
CA SER A 40 -16.51 6.88 -6.10
C SER A 40 -16.36 6.19 -4.74
N HIS A 41 -15.82 6.88 -3.73
CA HIS A 41 -15.70 6.23 -2.42
C HIS A 41 -17.03 5.79 -1.87
N ALA A 42 -18.02 6.69 -1.95
CA ALA A 42 -19.34 6.40 -1.42
C ALA A 42 -19.97 5.19 -2.12
N VAL A 43 -19.96 5.21 -3.44
CA VAL A 43 -20.62 4.17 -4.20
C VAL A 43 -19.92 2.82 -4.01
N MET A 44 -18.59 2.81 -4.08
CA MET A 44 -17.84 1.56 -3.94
C MET A 44 -17.79 1.02 -2.52
N CYS A 45 -17.87 1.87 -1.49
CA CYS A 45 -18.01 1.36 -0.12
C CYS A 45 -19.40 0.75 0.08
N ALA A 46 -20.42 1.42 -0.46
CA ALA A 46 -21.77 0.91 -0.37
C ALA A 46 -21.92 -0.46 -1.06
N GLU A 47 -21.28 -0.63 -2.22
CA GLU A 47 -21.21 -1.92 -2.90
C GLU A 47 -20.68 -3.05 -1.99
N GLN A 48 -19.78 -2.71 -1.07
CA GLN A 48 -19.26 -3.68 -0.12
C GLN A 48 -20.04 -3.81 1.19
N GLY A 49 -21.21 -3.17 1.25
CA GLY A 49 -22.10 -3.33 2.39
C GLY A 49 -22.24 -2.13 3.32
N ALA A 50 -21.48 -1.05 3.06
CA ALA A 50 -21.45 0.10 3.95
C ALA A 50 -22.63 1.03 3.75
N ASN A 51 -23.10 1.62 4.84
CA ASN A 51 -23.91 2.82 4.74
C ASN A 51 -23.00 4.05 4.78
N ILE A 52 -23.50 5.14 4.21
CA ILE A 52 -22.68 6.30 3.93
C ILE A 52 -23.25 7.58 4.57
N VAL A 53 -22.36 8.38 5.16
CA VAL A 53 -22.71 9.74 5.62
C VAL A 53 -21.81 10.66 4.84
N GLY A 54 -22.36 11.45 3.92
CA GLY A 54 -21.55 12.27 3.03
C GLY A 54 -21.89 13.72 3.06
N VAL A 55 -20.85 14.56 2.92
CA VAL A 55 -21.03 16.01 2.81
C VAL A 55 -20.29 16.60 1.60
N ASP A 56 -20.77 17.74 1.14
CA ASP A 56 -20.06 18.51 0.13
C ASP A 56 -20.41 19.98 0.28
N ILE A 57 -19.46 20.85 -0.04
CA ILE A 57 -19.69 22.27 0.02
C ILE A 57 -20.89 22.69 -0.85
N CYS A 58 -21.10 22.01 -1.99
CA CYS A 58 -22.21 22.35 -2.90
C CYS A 58 -22.32 23.83 -3.28
N GLU A 59 -21.18 24.49 -3.41
CA GLU A 59 -21.10 25.88 -3.78
C GLU A 59 -19.77 26.11 -4.45
N ASP A 60 -19.73 27.04 -5.39
CA ASP A 60 -18.47 27.49 -5.95
C ASP A 60 -17.76 28.43 -4.96
N ILE A 61 -16.45 28.55 -5.14
CA ILE A 61 -15.65 29.50 -4.40
C ILE A 61 -15.02 30.44 -5.41
N ASP A 62 -15.19 31.73 -5.16
CA ASP A 62 -14.72 32.77 -6.08
C ASP A 62 -13.28 32.58 -6.60
N ILE A 63 -12.32 32.30 -5.72
CA ILE A 63 -10.92 32.20 -6.14
C ILE A 63 -10.50 30.81 -6.63
N VAL A 64 -11.43 29.85 -6.65
CA VAL A 64 -11.17 28.55 -7.28
C VAL A 64 -11.69 28.61 -8.73
N PRO A 65 -10.79 28.49 -9.73
CA PRO A 65 -11.14 28.81 -11.11
C PRO A 65 -11.81 27.68 -11.91
N TYR A 66 -12.59 26.85 -11.22
CA TYR A 66 -13.40 25.81 -11.87
C TYR A 66 -14.62 25.54 -11.01
N LYS A 67 -15.65 24.95 -11.60
CA LYS A 67 -16.89 24.67 -10.89
C LYS A 67 -16.68 23.59 -9.86
N LEU A 68 -17.14 23.83 -8.64
CA LEU A 68 -17.11 22.81 -7.60
C LEU A 68 -18.35 21.91 -7.69
N GLY A 69 -18.46 20.97 -6.77
CA GLY A 69 -19.56 20.03 -6.77
C GLY A 69 -20.87 20.72 -6.42
N THR A 70 -21.98 20.22 -6.96
CA THR A 70 -23.30 20.81 -6.70
C THR A 70 -24.14 19.92 -5.77
N TYR A 71 -25.20 20.53 -5.21
CA TYR A 71 -26.22 19.82 -4.44
C TYR A 71 -26.83 18.71 -5.28
N GLU A 72 -27.07 18.99 -6.57
CA GLU A 72 -27.64 18.01 -7.50
C GLU A 72 -26.71 16.79 -7.65
N GLU A 73 -25.41 17.04 -7.69
CA GLU A 73 -24.45 15.97 -7.79
C GLU A 73 -24.44 15.17 -6.49
N LEU A 74 -24.52 15.84 -5.35
CA LEU A 74 -24.59 15.14 -4.08
C LEU A 74 -25.82 14.22 -3.97
N GLU A 75 -26.99 14.72 -4.39
CA GLU A 75 -28.21 13.91 -4.46
C GLU A 75 -27.98 12.66 -5.32
N GLU A 76 -27.37 12.86 -6.48
CA GLU A 76 -27.06 11.77 -7.40
C GLU A 76 -26.12 10.74 -6.77
N THR A 77 -25.13 11.18 -5.99
CA THR A 77 -24.29 10.25 -5.25
C THR A 77 -25.16 9.38 -4.32
N ALA A 78 -26.11 10.01 -3.62
CA ALA A 78 -27.01 9.28 -2.72
C ALA A 78 -27.89 8.27 -3.45
N ARG A 79 -28.32 8.63 -4.66
CA ARG A 79 -29.14 7.75 -5.49
C ARG A 79 -28.34 6.54 -5.97
N LEU A 80 -27.09 6.80 -6.35
CA LEU A 80 -26.18 5.74 -6.73
C LEU A 80 -25.91 4.82 -5.56
N VAL A 81 -25.73 5.37 -4.36
CA VAL A 81 -25.59 4.54 -3.17
C VAL A 81 -26.85 3.68 -2.93
N GLU A 82 -28.02 4.31 -3.05
CA GLU A 82 -29.25 3.59 -2.77
C GLU A 82 -29.53 2.48 -3.81
N LYS A 83 -29.03 2.63 -5.04
CA LYS A 83 -29.15 1.56 -6.03
C LYS A 83 -28.42 0.31 -5.58
N THR A 84 -27.42 0.44 -4.69
CA THR A 84 -26.71 -0.73 -4.18
C THR A 84 -27.51 -1.51 -3.11
N GLY A 85 -28.62 -0.95 -2.63
CA GLY A 85 -29.33 -1.54 -1.51
C GLY A 85 -28.96 -0.93 -0.17
N GLN A 86 -27.93 -0.08 -0.15
CA GLN A 86 -27.51 0.60 1.07
C GLN A 86 -28.17 1.99 1.19
N GLU A 87 -27.80 2.73 2.24
CA GLU A 87 -28.39 4.03 2.55
C GLU A 87 -27.30 5.11 2.61
N MET A 88 -27.66 6.36 2.28
CA MET A 88 -26.78 7.50 2.44
C MET A 88 -27.50 8.68 3.09
N LEU A 89 -26.91 9.20 4.17
CA LEU A 89 -27.31 10.50 4.74
C LEU A 89 -26.41 11.51 4.05
N PHE A 90 -26.98 12.46 3.31
CA PHE A 90 -26.18 13.48 2.64
C PHE A 90 -26.61 14.88 3.10
N ARG A 91 -25.63 15.76 3.30
CA ARG A 91 -25.85 17.15 3.69
C ARG A 91 -24.88 18.09 2.97
N LYS A 92 -25.39 19.24 2.60
CA LYS A 92 -24.53 20.34 2.24
C LYS A 92 -23.73 20.77 3.47
N ALA A 93 -22.41 20.64 3.45
CA ALA A 93 -21.62 21.18 4.53
C ALA A 93 -20.17 21.45 4.11
N ASP A 94 -19.55 22.44 4.74
CA ASP A 94 -18.19 22.86 4.42
C ASP A 94 -17.26 22.31 5.50
N VAL A 95 -16.18 21.62 5.10
CA VAL A 95 -15.24 21.10 6.08
C VAL A 95 -14.60 22.22 6.93
N ARG A 96 -14.65 23.46 6.48
CA ARG A 96 -14.12 24.57 7.28
C ARG A 96 -15.01 24.89 8.45
N ASP A 97 -16.25 24.41 8.39
CA ASP A 97 -17.23 24.68 9.44
C ASP A 97 -17.27 23.49 10.35
N LYS A 98 -16.43 23.52 11.38
CA LYS A 98 -16.26 22.36 12.23
C LYS A 98 -17.54 21.94 12.95
N ALA A 99 -18.29 22.90 13.47
CA ALA A 99 -19.54 22.60 14.20
C ALA A 99 -20.62 22.00 13.31
N VAL A 100 -20.68 22.46 12.07
CA VAL A 100 -21.61 21.92 11.09
C VAL A 100 -21.19 20.47 10.76
N LEU A 101 -19.89 20.27 10.53
CA LEU A 101 -19.37 18.94 10.28
C LEU A 101 -19.74 18.01 11.44
N GLN A 102 -19.55 18.48 12.67
CA GLN A 102 -19.86 17.66 13.82
C GLN A 102 -21.34 17.32 13.82
N GLU A 103 -22.19 18.31 13.52
CA GLU A 103 -23.64 18.08 13.51
C GLU A 103 -24.00 16.98 12.52
N VAL A 104 -23.41 16.99 11.32
CA VAL A 104 -23.75 16.02 10.30
C VAL A 104 -23.26 14.64 10.72
N PHE A 105 -22.08 14.59 11.32
CA PHE A 105 -21.51 13.37 11.88
C PHE A 105 -22.40 12.78 12.96
N ASP A 106 -22.85 13.63 13.88
CA ASP A 106 -23.76 13.19 14.94
C ASP A 106 -25.09 12.67 14.42
N ALA A 107 -25.65 13.36 13.43
CA ALA A 107 -26.85 12.87 12.74
C ALA A 107 -26.60 11.48 12.07
N GLY A 108 -25.39 11.28 11.56
CA GLY A 108 -24.96 9.97 11.03
C GLY A 108 -24.98 8.87 12.09
N VAL A 109 -24.39 9.17 13.25
CA VAL A 109 -24.38 8.25 14.38
C VAL A 109 -25.81 7.88 14.73
N GLU A 110 -26.69 8.89 14.72
CA GLU A 110 -28.10 8.69 14.99
C GLU A 110 -28.80 7.81 14.00
N GLN A 111 -28.72 8.19 12.73
CA GLN A 111 -29.43 7.46 11.71
C GLN A 111 -28.92 6.01 11.62
N PHE A 112 -27.61 5.81 11.69
CA PHE A 112 -27.01 4.49 11.44
C PHE A 112 -26.47 3.74 12.68
N GLY A 113 -26.51 4.36 13.86
CA GLY A 113 -26.06 3.70 15.08
C GLY A 113 -24.60 3.99 15.44
N HIS A 114 -23.75 4.14 14.42
CA HIS A 114 -22.32 4.45 14.63
C HIS A 114 -21.65 4.90 13.32
N ILE A 115 -20.48 5.52 13.44
CA ILE A 115 -19.61 5.75 12.30
C ILE A 115 -18.26 5.14 12.67
N ASP A 116 -17.76 4.23 11.84
CA ASP A 116 -16.49 3.58 12.13
C ASP A 116 -15.37 3.93 11.14
N THR A 117 -15.70 4.68 10.09
CA THR A 117 -14.73 4.97 9.07
C THR A 117 -14.91 6.42 8.60
N VAL A 118 -13.79 7.11 8.46
CA VAL A 118 -13.75 8.48 7.99
C VAL A 118 -12.82 8.63 6.80
N ILE A 119 -13.31 9.19 5.71
CA ILE A 119 -12.50 9.55 4.57
C ILE A 119 -12.50 11.08 4.35
N ALA A 120 -11.38 11.72 4.73
CA ALA A 120 -11.18 13.15 4.55
C ALA A 120 -10.69 13.46 3.13
N ASN A 121 -11.64 13.62 2.21
CA ASN A 121 -11.36 13.71 0.77
C ASN A 121 -11.52 15.09 0.19
N ALA A 122 -12.30 15.96 0.83
CA ALA A 122 -12.63 17.23 0.21
C ALA A 122 -11.36 18.02 -0.06
N GLY A 123 -11.27 18.61 -1.25
CA GLY A 123 -10.17 19.50 -1.55
C GLY A 123 -10.45 20.29 -2.78
N VAL A 124 -9.55 21.23 -3.04
CA VAL A 124 -9.59 22.05 -4.25
C VAL A 124 -8.19 22.26 -4.78
N VAL A 125 -8.08 22.48 -6.08
CA VAL A 125 -6.84 22.90 -6.72
C VAL A 125 -6.86 24.40 -6.94
N LEU A 126 -5.82 25.09 -6.47
CA LEU A 126 -5.77 26.54 -6.48
C LEU A 126 -4.75 27.10 -7.47
N THR A 127 -4.33 26.27 -8.41
CA THR A 127 -3.41 26.71 -9.44
C THR A 127 -4.17 27.60 -10.41
N ASN A 128 -3.56 28.76 -10.73
CA ASN A 128 -4.24 29.86 -11.39
C ASN A 128 -3.24 30.96 -11.76
N PRO A 129 -2.91 31.12 -13.06
CA PRO A 129 -2.02 32.22 -13.44
C PRO A 129 -2.60 33.59 -13.09
N ASP A 130 -3.93 33.70 -13.05
CA ASP A 130 -4.60 34.95 -12.72
C ASP A 130 -4.93 35.06 -11.22
N GLU A 131 -4.20 34.35 -10.37
CA GLU A 131 -4.37 34.49 -8.92
C GLU A 131 -4.33 35.96 -8.52
N ARG A 132 -5.32 36.43 -7.76
CA ARG A 132 -5.40 37.86 -7.46
C ARG A 132 -4.60 38.24 -6.22
N ASP A 133 -4.58 37.36 -5.23
CA ASP A 133 -3.97 37.66 -3.96
C ASP A 133 -3.36 36.39 -3.38
N ALA A 134 -2.03 36.35 -3.26
CA ALA A 134 -1.32 35.16 -2.87
C ALA A 134 -1.63 34.76 -1.44
N SER A 135 -1.60 35.73 -0.55
CA SER A 135 -1.84 35.44 0.86
C SER A 135 -3.25 34.89 1.09
N GLU A 136 -4.20 35.38 0.30
CA GLU A 136 -5.60 34.96 0.41
C GLU A 136 -5.77 33.50 -0.03
N ALA A 137 -5.16 33.16 -1.16
CA ALA A 137 -5.21 31.80 -1.68
C ALA A 137 -4.51 30.82 -0.78
N LEU A 138 -3.36 31.23 -0.24
CA LEU A 138 -2.66 30.40 0.74
C LEU A 138 -3.55 30.06 1.92
N ARG A 139 -4.20 31.08 2.47
CA ARG A 139 -5.04 30.91 3.65
CA ARG A 139 -5.01 30.88 3.64
C ARG A 139 -6.21 29.97 3.32
N LEU A 140 -6.85 30.20 2.17
CA LEU A 140 -8.00 29.39 1.79
C LEU A 140 -7.62 27.90 1.60
N GLY A 141 -6.54 27.65 0.86
CA GLY A 141 -6.04 26.30 0.65
C GLY A 141 -5.78 25.59 1.96
N LEU A 142 -5.06 26.26 2.84
CA LEU A 142 -4.78 25.67 4.14
C LEU A 142 -6.05 25.39 4.93
N ASP A 143 -6.99 26.36 4.90
CA ASP A 143 -8.23 26.20 5.63
C ASP A 143 -8.97 24.94 5.20
N ILE A 144 -9.05 24.71 3.90
CA ILE A 144 -9.81 23.58 3.36
C ILE A 144 -9.04 22.25 3.47
N MET A 145 -7.79 22.27 3.05
CA MET A 145 -7.04 20.98 2.90
C MET A 145 -6.16 20.58 4.04
N LEU A 146 -5.85 21.49 4.94
CA LEU A 146 -5.10 21.14 6.16
C LEU A 146 -6.05 21.18 7.36
N ILE A 147 -6.59 22.37 7.68
CA ILE A 147 -7.47 22.48 8.85
C ILE A 147 -8.76 21.66 8.61
N GLY A 148 -9.24 21.67 7.38
CA GLY A 148 -10.44 20.93 7.04
C GLY A 148 -10.33 19.43 7.25
N VAL A 149 -9.16 18.88 6.93
CA VAL A 149 -8.86 17.49 7.21
C VAL A 149 -8.75 17.26 8.70
N TRP A 150 -8.07 18.16 9.40
CA TRP A 150 -7.98 18.07 10.86
C TRP A 150 -9.36 18.12 11.52
N ASN A 151 -10.21 19.03 11.06
CA ASN A 151 -11.59 19.06 11.52
C ASN A 151 -12.32 17.73 11.32
N THR A 152 -12.10 17.12 10.15
CA THR A 152 -12.80 15.87 9.77
C THR A 152 -12.40 14.73 10.71
N PHE A 153 -11.13 14.65 11.08
CA PHE A 153 -10.69 13.69 12.08
C PHE A 153 -11.26 14.06 13.44
N GLN A 154 -11.17 15.33 13.80
CA GLN A 154 -11.60 15.77 15.16
C GLN A 154 -13.05 15.46 15.50
N VAL A 155 -13.94 15.59 14.52
CA VAL A 155 -15.37 15.32 14.78
C VAL A 155 -15.68 13.83 15.01
N ALA A 156 -14.73 12.95 14.65
CA ALA A 156 -14.98 11.52 14.67
C ALA A 156 -14.32 10.79 15.82
N ILE A 157 -13.16 11.29 16.25
CA ILE A 157 -12.32 10.53 17.18
C ILE A 157 -13.00 10.26 18.54
N PRO A 158 -13.59 11.28 19.17
CA PRO A 158 -14.26 11.04 20.44
C PRO A 158 -15.29 9.91 20.39
N HIS A 159 -16.08 9.89 19.32
CA HIS A 159 -17.05 8.82 19.12
C HIS A 159 -16.38 7.45 18.92
N MET A 160 -15.38 7.39 18.07
CA MET A 160 -14.70 6.10 17.81
C MET A 160 -14.09 5.55 19.08
N LYS A 161 -13.51 6.42 19.90
CA LYS A 161 -13.01 6.00 21.21
C LYS A 161 -14.12 5.53 22.14
N GLU A 162 -15.16 6.36 22.27
CA GLU A 162 -16.33 6.05 23.10
C GLU A 162 -16.87 4.63 22.79
N ARG A 163 -17.22 4.40 21.52
CA ARG A 163 -17.84 3.14 21.08
C ARG A 163 -16.91 1.94 21.22
N GLY A 164 -15.60 2.18 21.26
CA GLY A 164 -14.64 1.16 21.64
C GLY A 164 -14.46 -0.03 20.69
N GLN A 165 -14.96 0.06 19.47
CA GLN A 165 -14.79 -0.99 18.44
C GLN A 165 -13.71 -0.59 17.44
N GLY A 166 -12.81 0.28 17.84
CA GLY A 166 -11.77 0.78 16.92
C GLY A 166 -12.34 1.54 15.75
N GLY A 167 -11.59 1.58 14.65
CA GLY A 167 -12.06 2.24 13.44
C GLY A 167 -10.96 2.57 12.46
N ASN A 168 -11.31 3.37 11.47
CA ASN A 168 -10.41 3.77 10.41
C ASN A 168 -10.57 5.25 10.06
N LEU A 169 -9.45 5.96 10.04
CA LEU A 169 -9.35 7.27 9.44
C LEU A 169 -8.48 7.22 8.19
N ILE A 170 -8.96 7.87 7.14
CA ILE A 170 -8.27 7.95 5.86
C ILE A 170 -8.17 9.44 5.44
N ALA A 171 -6.99 9.86 5.01
CA ALA A 171 -6.85 11.19 4.45
C ALA A 171 -6.34 11.12 3.03
N THR A 172 -6.85 12.00 2.18
CA THR A 172 -6.40 12.08 0.81
C THR A 172 -5.28 13.09 0.66
N SER A 173 -4.05 12.59 0.44
CA SER A 173 -2.91 13.44 0.14
C SER A 173 -2.84 13.59 -1.37
N SER A 174 -1.65 13.78 -1.92
CA SER A 174 -1.46 13.96 -3.36
C SER A 174 -0.03 13.68 -3.76
N MET A 175 0.16 12.89 -4.82
CA MET A 175 1.49 12.48 -5.26
C MET A 175 2.26 13.69 -5.79
N ILE A 176 1.54 14.49 -6.59
CA ILE A 176 2.13 15.66 -7.26
C ILE A 176 2.63 16.64 -6.19
N ALA A 177 1.91 16.71 -5.07
CA ALA A 177 2.33 17.56 -3.97
C ALA A 177 3.58 17.02 -3.28
N LEU A 178 3.66 15.71 -3.14
CA LEU A 178 4.88 15.08 -2.58
C LEU A 178 6.07 15.02 -3.53
N LEU A 179 5.99 15.64 -4.69
CA LEU A 179 7.11 15.75 -5.61
C LEU A 179 7.73 17.15 -5.69
N ASP A 180 7.33 18.05 -4.79
CA ASP A 180 7.98 19.35 -4.60
C ASP A 180 7.94 20.27 -5.82
N LEU A 181 6.77 20.35 -6.42
CA LEU A 181 6.54 21.17 -7.59
C LEU A 181 5.64 22.35 -7.17
N THR A 182 6.13 23.57 -7.31
CA THR A 182 5.33 24.76 -7.03
C THR A 182 5.71 25.82 -8.02
N ASP A 183 4.77 26.72 -8.27
CA ASP A 183 5.10 27.92 -8.99
C ASP A 183 5.27 29.06 -8.01
N GLY A 184 5.16 28.80 -6.72
CA GLY A 184 5.42 29.83 -5.72
C GLY A 184 4.29 30.85 -5.59
N ARG A 185 3.13 30.54 -6.19
CA ARG A 185 1.91 31.29 -5.92
C ARG A 185 1.28 30.74 -4.63
N GLY A 186 0.41 31.52 -4.02
CA GLY A 186 -0.13 31.15 -2.71
C GLY A 186 -0.94 29.87 -2.76
N GLY A 187 -1.76 29.75 -3.80
CA GLY A 187 -2.65 28.61 -3.93
C GLY A 187 -1.87 27.32 -4.10
N THR A 188 -0.90 27.34 -4.99
CA THR A 188 -0.05 26.15 -5.23
C THR A 188 0.69 25.77 -3.97
N ASP A 189 1.26 26.76 -3.28
CA ASP A 189 1.93 26.50 -2.00
C ASP A 189 1.00 25.95 -0.92
N ALA A 190 -0.25 26.42 -0.86
CA ALA A 190 -1.20 25.87 0.09
C ALA A 190 -1.45 24.39 -0.16
N TYR A 191 -1.56 24.04 -1.43
CA TYR A 191 -1.86 22.67 -1.82
C TYR A 191 -0.69 21.75 -1.45
N LEU A 192 0.51 22.15 -1.83
CA LEU A 192 1.72 21.39 -1.55
C LEU A 192 1.89 21.20 -0.05
N THR A 193 1.85 22.30 0.70
CA THR A 193 2.07 22.24 2.15
C THR A 193 0.97 21.48 2.88
N SER A 194 -0.29 21.66 2.47
CA SER A 194 -1.40 20.92 3.14
C SER A 194 -1.33 19.41 2.88
N LYS A 195 -1.10 19.03 1.63
CA LYS A 195 -1.05 17.63 1.25
C LYS A 195 0.15 16.94 1.87
N LEU A 196 1.28 17.64 2.03
CA LEU A 196 2.41 17.06 2.76
C LEU A 196 2.10 16.99 4.27
N ALA A 197 1.56 18.07 4.81
CA ALA A 197 1.25 18.13 6.23
C ALA A 197 0.35 17.00 6.68
N ILE A 198 -0.62 16.68 5.86
CA ILE A 198 -1.58 15.66 6.26
C ILE A 198 -0.97 14.25 6.30
N THR A 199 0.14 14.01 5.60
CA THR A 199 0.90 12.74 5.79
C THR A 199 1.47 12.65 7.19
N GLY A 200 1.85 13.81 7.77
CA GLY A 200 2.26 13.85 9.16
C GLY A 200 1.14 13.59 10.13
N LEU A 201 -0.02 14.18 9.84
CA LEU A 201 -1.20 13.90 10.66
C LEU A 201 -1.47 12.40 10.62
N VAL A 202 -1.39 11.82 9.43
CA VAL A 202 -1.63 10.37 9.29
C VAL A 202 -0.69 9.56 10.17
N ARG A 203 0.61 9.77 10.03
CA ARG A 203 1.59 8.99 10.79
C ARG A 203 1.46 9.23 12.30
N SER A 204 1.30 10.49 12.71
CA SER A 204 1.25 10.81 14.14
C SER A 204 -0.03 10.33 14.79
N TYR A 205 -1.13 10.40 14.07
CA TYR A 205 -2.43 9.95 14.62
C TYR A 205 -2.45 8.41 14.65
N ALA A 206 -1.81 7.78 13.67
CA ALA A 206 -1.70 6.31 13.69
C ALA A 206 -1.07 5.86 14.99
N LEU A 207 0.01 6.54 15.39
CA LEU A 207 0.71 6.19 16.60
C LEU A 207 -0.18 6.50 17.80
N MET A 208 -0.74 7.70 17.82
CA MET A 208 -1.55 8.16 18.95
C MET A 208 -2.73 7.23 19.20
N LEU A 209 -3.43 6.90 18.13
CA LEU A 209 -4.68 6.18 18.24
C LEU A 209 -4.54 4.63 18.18
N ALA A 210 -3.33 4.12 18.01
CA ALA A 210 -3.14 2.65 17.91
C ALA A 210 -3.80 1.91 19.07
N ALA A 211 -3.58 2.40 20.30
CA ALA A 211 -4.14 1.75 21.49
C ALA A 211 -5.66 1.73 21.52
N ASP A 212 -6.30 2.63 20.79
CA ASP A 212 -7.74 2.62 20.62
C ASP A 212 -8.20 1.79 19.44
N ARG A 213 -7.29 1.08 18.82
CA ARG A 213 -7.58 0.33 17.63
C ARG A 213 -8.15 1.15 16.48
N ILE A 214 -7.80 2.43 16.42
CA ILE A 214 -8.19 3.23 15.28
C ILE A 214 -6.97 3.27 14.38
N ARG A 215 -7.15 2.78 13.15
CA ARG A 215 -6.05 2.66 12.23
C ARG A 215 -6.16 3.92 11.37
N VAL A 216 -5.03 4.52 11.01
CA VAL A 216 -5.01 5.76 10.28
C VAL A 216 -4.07 5.68 9.11
N ASN A 217 -4.59 5.95 7.91
CA ASN A 217 -3.79 5.82 6.70
C ASN A 217 -4.17 6.90 5.72
N GLY A 218 -3.39 6.97 4.66
CA GLY A 218 -3.64 7.89 3.57
C GLY A 218 -3.49 7.32 2.22
N VAL A 219 -3.98 8.08 1.24
CA VAL A 219 -3.71 7.78 -0.14
C VAL A 219 -3.09 8.97 -0.81
N ALA A 220 -2.09 8.74 -1.66
CA ALA A 220 -1.51 9.79 -2.48
C ALA A 220 -1.71 9.52 -3.97
N PRO A 221 -2.85 10.00 -4.53
CA PRO A 221 -3.08 9.74 -5.93
C PRO A 221 -2.21 10.61 -6.84
N THR A 222 -1.93 10.08 -8.03
CA THR A 222 -1.40 10.85 -9.15
C THR A 222 -2.63 11.45 -9.83
N ASN A 223 -2.45 12.01 -11.02
CA ASN A 223 -3.51 12.71 -11.72
C ASN A 223 -4.70 11.78 -11.89
N CYS A 224 -5.88 12.26 -11.51
CA CYS A 224 -7.06 11.44 -11.47
C CYS A 224 -8.11 12.18 -12.29
N SER A 225 -8.79 11.45 -13.19
CA SER A 225 -9.72 12.08 -14.12
C SER A 225 -11.02 12.56 -13.44
N THR A 226 -10.98 13.78 -12.89
CA THR A 226 -12.14 14.46 -12.26
C THR A 226 -12.15 15.91 -12.73
N PRO A 227 -13.23 16.66 -12.45
CA PRO A 227 -13.28 18.02 -12.99
C PRO A 227 -12.14 18.94 -12.55
N MET A 228 -11.65 18.70 -11.34
CA MET A 228 -10.53 19.43 -10.79
C MET A 228 -9.33 19.41 -11.75
N ILE A 229 -9.24 18.35 -12.56
CA ILE A 229 -8.25 18.23 -13.61
C ILE A 229 -8.86 18.41 -15.00
N THR A 230 -9.98 17.75 -15.26
CA THR A 230 -10.51 17.69 -16.63
C THR A 230 -11.26 18.94 -17.07
N GLU A 231 -11.58 19.83 -16.13
CA GLU A 231 -12.32 21.05 -16.43
C GLU A 231 -11.72 22.25 -15.71
N ASN A 232 -10.40 22.38 -15.84
CA ASN A 232 -9.60 23.34 -15.10
C ASN A 232 -8.41 23.77 -15.94
N PRO A 233 -8.67 24.57 -16.98
CA PRO A 233 -7.62 24.96 -17.93
C PRO A 233 -6.49 25.71 -17.26
N ALA A 234 -6.83 26.44 -16.20
CA ALA A 234 -5.89 27.20 -15.41
C ALA A 234 -4.66 26.36 -15.08
N LEU A 235 -4.92 25.15 -14.58
CA LEU A 235 -3.86 24.21 -14.22
C LEU A 235 -2.89 23.95 -15.39
N PHE A 236 -3.41 23.63 -16.57
CA PHE A 236 -2.57 23.33 -17.74
C PHE A 236 -1.71 24.53 -18.17
N LYS A 237 -2.26 25.74 -18.03
CA LYS A 237 -1.54 26.97 -18.37
C LYS A 237 -0.40 27.29 -17.37
N VAL A 238 -0.53 26.88 -16.11
CA VAL A 238 0.52 27.10 -15.10
C VAL A 238 1.74 26.19 -15.28
N ILE A 239 1.52 24.93 -15.64
CA ILE A 239 2.61 23.99 -16.00
C ILE A 239 3.21 24.32 -17.38
N GLU A 240 2.37 24.84 -18.28
CA GLU A 240 2.82 25.34 -19.58
C GLU A 240 3.66 26.62 -19.45
N GLU A 241 3.46 27.37 -18.37
CA GLU A 241 4.17 28.64 -18.14
C GLU A 241 5.51 28.50 -17.40
N ASN A 242 5.78 27.35 -16.77
CA ASN A 242 7.02 27.15 -15.97
C ASN A 242 7.91 26.00 -16.50
N PRO A 243 9.14 26.32 -16.96
CA PRO A 243 10.11 25.31 -17.44
C PRO A 243 10.37 24.13 -16.49
N HIS A 244 10.47 24.39 -15.19
CA HIS A 244 10.73 23.34 -14.19
C HIS A 244 9.51 22.43 -13.88
N LEU A 245 8.33 22.82 -14.38
CA LEU A 245 7.10 22.02 -14.26
C LEU A 245 6.65 21.36 -15.59
N VAL A 246 7.56 21.27 -16.57
CA VAL A 246 7.23 20.70 -17.89
C VAL A 246 6.75 19.25 -17.81
N ASN A 247 7.42 18.42 -17.00
CA ASN A 247 7.04 17.01 -16.79
C ASN A 247 6.43 16.76 -15.39
N ALA A 248 5.66 17.73 -14.90
CA ALA A 248 5.08 17.69 -13.55
C ALA A 248 4.04 16.58 -13.33
N MET A 249 3.33 16.24 -14.39
CA MET A 249 2.22 15.30 -14.29
C MET A 249 2.55 13.90 -14.84
N SER A 250 3.70 13.70 -15.46
CA SER A 250 3.91 12.42 -16.16
C SER A 250 4.02 11.26 -15.16
N THR A 251 3.38 10.15 -15.52
CA THR A 251 3.45 8.91 -14.77
C THR A 251 4.33 7.93 -15.53
N ALA A 252 4.54 6.75 -14.96
CA ALA A 252 5.42 5.76 -15.58
C ALA A 252 4.64 4.82 -16.51
N LEU A 253 3.54 4.27 -16.01
CA LEU A 253 2.83 3.23 -16.72
C LEU A 253 2.13 3.78 -17.98
N PRO A 254 2.33 3.13 -19.14
CA PRO A 254 1.78 3.66 -20.39
C PRO A 254 0.26 3.74 -20.41
N ASP A 255 -0.41 2.82 -19.73
CA ASP A 255 -1.88 2.77 -19.70
C ASP A 255 -2.51 3.76 -18.73
N PHE A 256 -1.71 4.47 -17.94
CA PHE A 256 -2.23 5.35 -16.89
C PHE A 256 -1.54 6.73 -16.94
N PRO A 257 -1.74 7.46 -18.04
CA PRO A 257 -1.37 8.87 -18.03
C PRO A 257 -2.20 9.62 -16.97
N MET A 258 -3.44 9.20 -16.77
CA MET A 258 -4.09 9.42 -15.47
C MET A 258 -4.76 8.16 -14.97
N ILE A 259 -5.13 8.18 -13.70
CA ILE A 259 -5.89 7.12 -13.07
C ILE A 259 -7.38 7.49 -12.99
N GLU A 260 -8.19 6.51 -12.64
CA GLU A 260 -9.61 6.73 -12.43
C GLU A 260 -9.91 6.76 -10.93
N PRO A 261 -11.01 7.41 -10.53
CA PRO A 261 -11.39 7.48 -9.13
C PRO A 261 -11.46 6.10 -8.47
N ARG A 262 -11.93 5.10 -9.20
CA ARG A 262 -12.06 3.78 -8.60
C ARG A 262 -10.71 3.20 -8.16
N ASP A 263 -9.63 3.63 -8.78
CA ASP A 263 -8.31 3.19 -8.36
C ASP A 263 -8.03 3.67 -6.94
N VAL A 264 -8.41 4.90 -6.66
CA VAL A 264 -8.24 5.44 -5.32
C VAL A 264 -9.19 4.69 -4.36
N SER A 265 -10.44 4.49 -4.76
CA SER A 265 -11.41 3.80 -3.89
C SER A 265 -10.95 2.37 -3.58
N ASN A 266 -10.41 1.70 -4.57
CA ASN A 266 -9.86 0.34 -4.35
C ASN A 266 -8.74 0.30 -3.33
N ALA A 267 -7.89 1.34 -3.31
CA ALA A 267 -6.81 1.41 -2.33
C ALA A 267 -7.32 1.63 -0.95
N ILE A 268 -8.33 2.50 -0.84
CA ILE A 268 -8.94 2.72 0.44
C ILE A 268 -9.61 1.45 0.91
N LEU A 269 -10.36 0.81 0.03
CA LEU A 269 -11.06 -0.44 0.38
C LEU A 269 -10.08 -1.48 0.92
N PHE A 270 -8.91 -1.54 0.31
CA PHE A 270 -7.90 -2.47 0.81
C PHE A 270 -7.55 -2.13 2.24
N LEU A 271 -7.29 -0.85 2.48
CA LEU A 271 -6.77 -0.40 3.76
C LEU A 271 -7.76 -0.58 4.87
N ILE A 272 -9.03 -0.28 4.59
CA ILE A 272 -10.02 -0.32 5.64
C ILE A 272 -10.69 -1.67 5.80
N SER A 273 -10.41 -2.63 4.93
CA SER A 273 -11.01 -3.97 5.01
C SER A 273 -10.10 -4.96 5.71
N ASP A 274 -10.62 -6.15 5.97
CA ASP A 274 -9.82 -7.20 6.59
C ASP A 274 -8.50 -7.54 5.81
N ALA A 275 -8.54 -7.35 4.50
CA ALA A 275 -7.38 -7.58 3.64
C ALA A 275 -6.17 -6.76 4.08
N GLY A 276 -6.43 -5.51 4.49
CA GLY A 276 -5.39 -4.57 4.88
C GLY A 276 -5.36 -4.32 6.38
N ARG A 277 -5.80 -5.31 7.14
CA ARG A 277 -6.10 -5.17 8.56
C ARG A 277 -4.96 -4.69 9.46
N SER A 278 -3.71 -4.96 9.08
CA SER A 278 -2.54 -4.58 9.88
C SER A 278 -1.93 -3.24 9.46
N PHE A 279 -2.52 -2.55 8.49
CA PHE A 279 -1.95 -1.31 7.98
C PHE A 279 -2.37 -0.15 8.85
N THR A 280 -1.38 0.59 9.36
CA THR A 280 -1.63 1.86 10.00
C THR A 280 -0.37 2.68 9.90
N GLY A 281 -0.55 3.97 9.68
CA GLY A 281 0.59 4.84 9.46
C GLY A 281 1.07 4.87 8.02
N SER A 282 0.38 4.20 7.10
CA SER A 282 0.82 4.19 5.70
C SER A 282 0.11 5.22 4.83
N VAL A 283 0.83 5.68 3.81
CA VAL A 283 0.26 6.50 2.74
C VAL A 283 0.51 5.78 1.42
N LEU A 284 -0.54 5.21 0.80
CA LEU A 284 -0.33 4.41 -0.40
C LEU A 284 -0.27 5.31 -1.61
N LYS A 285 0.70 5.06 -2.48
CA LYS A 285 0.87 5.81 -3.73
C LYS A 285 0.11 5.13 -4.87
N VAL A 286 -1.03 5.71 -5.21
CA VAL A 286 -1.87 5.25 -6.29
C VAL A 286 -1.43 6.06 -7.49
N ASP A 287 -0.25 5.77 -8.02
CA ASP A 287 0.51 6.76 -8.79
C ASP A 287 0.96 6.38 -10.16
N ALA A 288 0.66 5.15 -10.60
CA ALA A 288 1.14 4.67 -11.90
C ALA A 288 2.66 4.92 -12.06
N GLY A 289 3.38 4.81 -10.96
CA GLY A 289 4.83 4.96 -10.94
C GLY A 289 5.38 6.37 -10.94
N MET A 290 4.50 7.37 -10.74
CA MET A 290 4.92 8.77 -10.75
C MET A 290 6.09 9.00 -9.78
N ASP A 291 6.03 8.39 -8.60
CA ASP A 291 7.09 8.56 -7.60
C ASP A 291 8.48 8.08 -8.05
N VAL A 292 8.56 7.13 -8.96
CA VAL A 292 9.89 6.70 -9.46
C VAL A 292 10.24 7.30 -10.81
N LYS A 293 9.31 8.07 -11.39
CA LYS A 293 9.53 8.57 -12.73
C LYS A 293 10.52 9.72 -12.70
N ARG A 294 11.47 9.66 -13.62
CA ARG A 294 12.65 10.52 -13.61
C ARG A 294 13.11 10.72 -15.07
N GLY B 21 -11.83 -15.89 -9.64
CA GLY B 21 -11.02 -15.07 -8.71
C GLY B 21 -10.21 -14.01 -9.42
N SER B 22 -9.51 -13.20 -8.62
CA SER B 22 -8.74 -12.07 -9.11
C SER B 22 -7.51 -12.44 -9.95
N LEU B 23 -7.10 -13.72 -9.91
CA LEU B 23 -5.89 -14.15 -10.60
C LEU B 23 -6.17 -15.22 -11.62
N ASP B 24 -7.32 -15.14 -12.27
CA ASP B 24 -7.68 -16.15 -13.23
C ASP B 24 -6.76 -16.07 -14.44
N GLY B 25 -6.20 -17.21 -14.81
CA GLY B 25 -5.31 -17.30 -15.96
C GLY B 25 -3.88 -16.90 -15.64
N ARG B 26 -3.62 -16.60 -14.37
CA ARG B 26 -2.30 -16.14 -13.96
C ARG B 26 -1.43 -17.32 -13.55
N VAL B 27 -0.13 -17.13 -13.65
CA VAL B 27 0.87 -18.14 -13.25
C VAL B 27 1.98 -17.47 -12.44
N VAL B 28 2.12 -17.90 -11.19
CA VAL B 28 3.02 -17.25 -10.25
C VAL B 28 4.22 -18.13 -9.88
N PHE B 29 5.42 -17.59 -10.08
CA PHE B 29 6.70 -18.19 -9.66
C PHE B 29 7.07 -17.68 -8.26
N ILE B 30 7.25 -18.58 -7.30
CA ILE B 30 7.43 -18.22 -5.90
C ILE B 30 8.67 -18.94 -5.35
N THR B 31 9.61 -18.16 -4.81
CA THR B 31 10.78 -18.76 -4.17
C THR B 31 10.47 -18.86 -2.67
N GLY B 32 11.02 -19.88 -2.04
CA GLY B 32 10.76 -20.14 -0.63
C GLY B 32 9.35 -20.63 -0.31
N ALA B 33 8.78 -21.44 -1.22
CA ALA B 33 7.40 -21.94 -1.10
C ALA B 33 7.14 -23.13 -0.17
N ALA B 34 8.15 -23.64 0.50
CA ALA B 34 7.96 -24.85 1.33
C ALA B 34 6.99 -24.61 2.48
N ARG B 35 7.06 -23.42 3.08
CA ARG B 35 6.26 -23.11 4.23
C ARG B 35 6.10 -21.58 4.40
N GLY B 36 5.63 -21.18 5.57
CA GLY B 36 5.61 -19.77 5.98
C GLY B 36 4.86 -18.88 5.01
N GLN B 37 5.44 -17.71 4.71
CA GLN B 37 4.81 -16.75 3.82
C GLN B 37 4.74 -17.27 2.39
N GLY B 38 5.79 -17.95 1.93
CA GLY B 38 5.80 -18.51 0.58
C GLY B 38 4.67 -19.49 0.32
N ARG B 39 4.40 -20.34 1.30
CA ARG B 39 3.31 -21.30 1.20
C ARG B 39 1.99 -20.56 1.19
N SER B 40 1.88 -19.62 2.12
CA SER B 40 0.70 -18.73 2.13
C SER B 40 0.52 -18.08 0.75
N HIS B 41 1.58 -17.52 0.17
CA HIS B 41 1.43 -16.90 -1.17
C HIS B 41 0.91 -17.88 -2.19
N ALA B 42 1.50 -19.09 -2.23
CA ALA B 42 1.09 -20.08 -3.17
C ALA B 42 -0.38 -20.46 -3.01
N VAL B 43 -0.78 -20.78 -1.78
CA VAL B 43 -2.14 -21.22 -1.51
C VAL B 43 -3.16 -20.13 -1.80
N MET B 44 -2.88 -18.90 -1.34
CA MET B 44 -3.83 -17.81 -1.53
C MET B 44 -3.88 -17.28 -2.97
N CYS B 45 -2.77 -17.39 -3.73
CA CYS B 45 -2.83 -17.02 -5.15
C CYS B 45 -3.66 -18.08 -5.91
N ALA B 46 -3.47 -19.34 -5.56
CA ALA B 46 -4.23 -20.41 -6.19
C ALA B 46 -5.74 -20.30 -5.92
N GLU B 47 -6.11 -19.93 -4.69
CA GLU B 47 -7.50 -19.60 -4.35
C GLU B 47 -8.13 -18.57 -5.29
N GLN B 48 -7.32 -17.63 -5.79
CA GLN B 48 -7.80 -16.64 -6.73
C GLN B 48 -7.68 -17.02 -8.20
N GLY B 49 -7.32 -18.28 -8.48
CA GLY B 49 -7.31 -18.80 -9.84
C GLY B 49 -5.96 -19.08 -10.44
N ALA B 50 -4.88 -18.78 -9.71
CA ALA B 50 -3.51 -18.91 -10.25
C ALA B 50 -2.99 -20.32 -10.19
N ASN B 51 -2.21 -20.67 -11.21
CA ASN B 51 -1.33 -21.82 -11.11
C ASN B 51 0.03 -21.35 -10.58
N ILE B 52 0.75 -22.28 -9.95
CA ILE B 52 1.92 -21.95 -9.15
C ILE B 52 3.14 -22.74 -9.62
N VAL B 53 4.27 -22.04 -9.71
CA VAL B 53 5.58 -22.67 -9.90
C VAL B 53 6.38 -22.29 -8.68
N GLY B 54 6.67 -23.26 -7.81
CA GLY B 54 7.37 -22.96 -6.56
C GLY B 54 8.67 -23.71 -6.36
N VAL B 55 9.63 -23.05 -5.71
CA VAL B 55 10.90 -23.67 -5.31
C VAL B 55 11.22 -23.44 -3.83
N ASP B 56 12.04 -24.32 -3.29
CA ASP B 56 12.58 -24.13 -1.96
C ASP B 56 13.92 -24.88 -1.86
N ILE B 57 14.83 -24.32 -1.09
CA ILE B 57 16.12 -24.96 -0.89
C ILE B 57 15.97 -26.40 -0.37
N CYS B 58 14.94 -26.65 0.45
CA CYS B 58 14.72 -28.00 1.01
C CYS B 58 15.95 -28.62 1.69
N GLU B 59 16.79 -27.80 2.30
CA GLU B 59 17.98 -28.21 3.01
C GLU B 59 18.29 -27.23 4.10
N ASP B 60 18.86 -27.69 5.19
CA ASP B 60 19.39 -26.78 6.21
C ASP B 60 20.71 -26.17 5.72
N ILE B 61 21.08 -25.04 6.33
CA ILE B 61 22.38 -24.43 6.10
C ILE B 61 23.11 -24.37 7.43
N ASP B 62 24.33 -24.85 7.44
CA ASP B 62 25.13 -24.98 8.65
C ASP B 62 25.12 -23.72 9.53
N ILE B 63 25.32 -22.54 8.95
CA ILE B 63 25.42 -21.31 9.78
C ILE B 63 24.07 -20.64 10.07
N VAL B 64 22.97 -21.21 9.59
CA VAL B 64 21.64 -20.69 9.93
C VAL B 64 21.15 -21.51 11.12
N PRO B 65 20.95 -20.88 12.29
CA PRO B 65 20.72 -21.62 13.53
C PRO B 65 19.27 -22.09 13.78
N TYR B 66 18.52 -22.41 12.71
CA TYR B 66 17.18 -22.99 12.84
C TYR B 66 16.91 -23.87 11.60
N LYS B 67 15.95 -24.78 11.68
CA LYS B 67 15.64 -25.68 10.57
C LYS B 67 15.01 -24.90 9.43
N LEU B 68 15.50 -25.12 8.22
CA LEU B 68 14.86 -24.53 7.04
C LEU B 68 13.74 -25.46 6.52
N GLY B 69 13.12 -25.06 5.41
CA GLY B 69 11.99 -25.77 4.85
C GLY B 69 12.42 -27.10 4.30
N THR B 70 11.52 -28.07 4.33
CA THR B 70 11.83 -29.42 3.82
C THR B 70 11.10 -29.70 2.51
N TYR B 71 11.59 -30.69 1.78
CA TYR B 71 10.90 -31.20 0.60
C TYR B 71 9.47 -31.64 0.93
N GLU B 72 9.30 -32.27 2.08
CA GLU B 72 8.00 -32.74 2.55
C GLU B 72 7.03 -31.55 2.73
N GLU B 73 7.55 -30.45 3.24
CA GLU B 73 6.74 -29.25 3.36
C GLU B 73 6.39 -28.70 1.97
N LEU B 74 7.35 -28.70 1.06
CA LEU B 74 7.08 -28.22 -0.30
C LEU B 74 5.99 -29.05 -0.99
N GLU B 75 6.02 -30.38 -0.82
CA GLU B 75 4.95 -31.26 -1.31
C GLU B 75 3.60 -30.88 -0.75
N GLU B 76 3.57 -30.66 0.56
CA GLU B 76 2.37 -30.24 1.24
C GLU B 76 1.82 -28.91 0.71
N THR B 77 2.70 -27.95 0.39
CA THR B 77 2.26 -26.71 -0.26
C THR B 77 1.54 -27.04 -1.58
N ALA B 78 2.10 -27.96 -2.36
CA ALA B 78 1.50 -28.35 -3.63
C ALA B 78 0.14 -28.99 -3.46
N ARG B 79 -0.01 -29.78 -2.40
CA ARG B 79 -1.27 -30.47 -2.10
C ARG B 79 -2.34 -29.46 -1.69
N LEU B 80 -1.93 -28.48 -0.89
CA LEU B 80 -2.81 -27.38 -0.52
C LEU B 80 -3.23 -26.56 -1.74
N VAL B 81 -2.31 -26.30 -2.64
CA VAL B 81 -2.66 -25.67 -3.92
C VAL B 81 -3.62 -26.52 -4.73
N GLU B 82 -3.34 -27.83 -4.84
CA GLU B 82 -4.21 -28.67 -5.62
C GLU B 82 -5.63 -28.83 -5.03
N LYS B 83 -5.77 -28.70 -3.70
CA LYS B 83 -7.10 -28.70 -3.06
C LYS B 83 -7.95 -27.53 -3.54
N THR B 84 -7.33 -26.46 -4.04
CA THR B 84 -8.10 -25.32 -4.57
C THR B 84 -8.66 -25.58 -5.98
N GLY B 85 -8.21 -26.66 -6.63
CA GLY B 85 -8.56 -26.86 -8.03
C GLY B 85 -7.49 -26.42 -9.00
N GLN B 86 -6.47 -25.73 -8.51
CA GLN B 86 -5.36 -25.28 -9.34
C GLN B 86 -4.20 -26.29 -9.32
N GLU B 87 -3.11 -25.93 -10.00
CA GLU B 87 -1.96 -26.80 -10.15
C GLU B 87 -0.68 -26.12 -9.68
N MET B 88 0.26 -26.92 -9.16
CA MET B 88 1.58 -26.43 -8.74
C MET B 88 2.72 -27.32 -9.28
N LEU B 89 3.68 -26.71 -9.97
CA LEU B 89 4.95 -27.35 -10.30
C LEU B 89 5.89 -26.96 -9.16
N PHE B 90 6.41 -27.95 -8.42
CA PHE B 90 7.34 -27.67 -7.33
C PHE B 90 8.66 -28.42 -7.53
N ARG B 91 9.77 -27.74 -7.23
CA ARG B 91 11.14 -28.30 -7.31
C ARG B 91 12.01 -27.84 -6.16
N LYS B 92 12.86 -28.74 -5.72
CA LYS B 92 13.95 -28.34 -4.86
C LYS B 92 14.91 -27.44 -5.64
N ALA B 93 15.08 -26.18 -5.21
CA ALA B 93 16.09 -25.32 -5.85
C ALA B 93 16.54 -24.16 -4.95
N ASP B 94 17.78 -23.74 -5.13
CA ASP B 94 18.39 -22.68 -4.31
C ASP B 94 18.44 -21.40 -5.13
N VAL B 95 17.91 -20.29 -4.60
CA VAL B 95 17.94 -19.04 -5.36
C VAL B 95 19.36 -18.56 -5.66
N ARG B 96 20.38 -19.11 -4.98
CA ARG B 96 21.77 -18.80 -5.33
C ARG B 96 22.22 -19.46 -6.60
N ASP B 97 21.49 -20.47 -7.04
CA ASP B 97 21.84 -21.23 -8.22
C ASP B 97 20.99 -20.71 -9.35
N LYS B 98 21.49 -19.71 -10.03
CA LYS B 98 20.73 -19.01 -11.06
C LYS B 98 20.27 -19.92 -12.20
N ALA B 99 21.15 -20.80 -12.69
CA ALA B 99 20.82 -21.68 -13.81
C ALA B 99 19.74 -22.67 -13.43
N VAL B 100 19.77 -23.13 -12.18
CA VAL B 100 18.76 -24.07 -11.69
C VAL B 100 17.44 -23.33 -11.60
N LEU B 101 17.47 -22.12 -11.06
CA LEU B 101 16.28 -21.30 -11.00
C LEU B 101 15.69 -21.10 -12.39
N GLN B 102 16.55 -20.82 -13.37
CA GLN B 102 16.09 -20.62 -14.73
C GLN B 102 15.47 -21.92 -15.27
N GLU B 103 16.10 -23.06 -15.00
CA GLU B 103 15.54 -24.33 -15.49
C GLU B 103 14.14 -24.60 -14.91
N VAL B 104 13.93 -24.31 -13.62
CA VAL B 104 12.62 -24.54 -13.02
C VAL B 104 11.57 -23.57 -13.60
N PHE B 105 12.00 -22.34 -13.83
CA PHE B 105 11.16 -21.31 -14.46
C PHE B 105 10.74 -21.75 -15.86
N ASP B 106 11.71 -22.21 -16.63
CA ASP B 106 11.43 -22.67 -18.00
C ASP B 106 10.49 -23.87 -18.04
N ALA B 107 10.68 -24.81 -17.11
CA ALA B 107 9.72 -25.92 -16.95
C ALA B 107 8.29 -25.41 -16.58
N GLY B 108 8.23 -24.33 -15.80
CA GLY B 108 6.97 -23.65 -15.53
C GLY B 108 6.28 -23.11 -16.78
N VAL B 109 7.06 -22.41 -17.61
CA VAL B 109 6.56 -21.87 -18.87
C VAL B 109 6.02 -23.03 -19.75
N GLU B 110 6.73 -24.16 -19.74
CA GLU B 110 6.33 -25.36 -20.47
C GLU B 110 5.03 -25.94 -19.94
N GLN B 111 4.96 -26.23 -18.64
CA GLN B 111 3.79 -26.86 -18.07
C GLN B 111 2.56 -25.95 -18.20
N PHE B 112 2.72 -24.66 -17.90
CA PHE B 112 1.55 -23.75 -17.81
C PHE B 112 1.37 -22.79 -18.98
N GLY B 113 2.31 -22.75 -19.92
CA GLY B 113 2.19 -21.85 -21.07
C GLY B 113 2.92 -20.52 -20.89
N HIS B 114 2.95 -20.01 -19.66
CA HIS B 114 3.63 -18.74 -19.35
C HIS B 114 3.81 -18.55 -17.84
N ILE B 115 4.67 -17.62 -17.44
CA ILE B 115 4.72 -17.12 -16.08
C ILE B 115 4.59 -15.58 -16.13
N ASP B 116 3.62 -15.03 -15.41
CA ASP B 116 3.38 -13.59 -15.48
C ASP B 116 3.65 -12.89 -14.15
N THR B 117 3.93 -13.66 -13.11
CA THR B 117 4.10 -13.08 -11.81
C THR B 117 5.21 -13.78 -11.07
N VAL B 118 6.02 -12.98 -10.38
CA VAL B 118 7.16 -13.47 -9.64
C VAL B 118 7.15 -12.93 -8.24
N ILE B 119 7.20 -13.80 -7.26
CA ILE B 119 7.39 -13.42 -5.86
C ILE B 119 8.73 -13.93 -5.31
N ALA B 120 9.69 -13.00 -5.16
CA ALA B 120 11.02 -13.30 -4.60
C ALA B 120 10.96 -13.27 -3.06
N ASN B 121 10.58 -14.40 -2.46
CA ASN B 121 10.31 -14.50 -1.03
C ASN B 121 11.34 -15.23 -0.20
N ALA B 122 12.17 -16.07 -0.83
CA ALA B 122 13.09 -16.87 -0.05
C ALA B 122 14.03 -15.98 0.78
N GLY B 123 14.21 -16.34 2.04
CA GLY B 123 15.19 -15.68 2.87
C GLY B 123 15.49 -16.45 4.13
N VAL B 124 16.50 -15.99 4.85
CA VAL B 124 16.90 -16.54 6.12
C VAL B 124 17.28 -15.44 7.09
N VAL B 125 17.12 -15.73 8.38
CA VAL B 125 17.57 -14.84 9.43
C VAL B 125 18.87 -15.37 9.98
N LEU B 126 19.88 -14.50 10.02
CA LEU B 126 21.23 -14.91 10.39
C LEU B 126 21.66 -14.37 11.73
N THR B 127 20.70 -13.95 12.54
CA THR B 127 21.01 -13.44 13.86
C THR B 127 21.38 -14.62 14.76
N ASN B 128 22.47 -14.47 15.51
CA ASN B 128 23.16 -15.60 16.16
C ASN B 128 24.30 -15.10 17.04
N PRO B 129 24.13 -15.18 18.37
CA PRO B 129 25.23 -14.75 19.25
C PRO B 129 26.47 -15.60 19.07
N ASP B 130 26.29 -16.85 18.65
CA ASP B 130 27.41 -17.76 18.41
C ASP B 130 27.88 -17.77 16.95
N GLU B 131 27.66 -16.69 16.21
CA GLU B 131 28.18 -16.55 14.84
C GLU B 131 29.66 -16.85 14.82
N ARG B 132 30.10 -17.75 13.93
CA ARG B 132 31.50 -18.20 13.97
C ARG B 132 32.41 -17.30 13.16
N ASP B 133 31.91 -16.78 12.05
CA ASP B 133 32.74 -16.00 11.13
C ASP B 133 31.87 -14.92 10.49
N ALA B 134 32.18 -13.66 10.80
CA ALA B 134 31.32 -12.54 10.38
C ALA B 134 31.32 -12.37 8.88
N SER B 135 32.52 -12.44 8.28
CA SER B 135 32.64 -12.21 6.84
C SER B 135 31.91 -13.29 6.03
N GLU B 136 31.89 -14.50 6.58
CA GLU B 136 31.19 -15.63 5.94
C GLU B 136 29.66 -15.42 5.98
N ALA B 137 29.15 -15.04 7.14
CA ALA B 137 27.71 -14.83 7.31
C ALA B 137 27.23 -13.66 6.48
N LEU B 138 28.03 -12.61 6.44
CA LEU B 138 27.71 -11.48 5.56
C LEU B 138 27.54 -11.93 4.13
N ARG B 139 28.51 -12.72 3.66
CA ARG B 139 28.50 -13.15 2.27
CA ARG B 139 28.51 -13.18 2.28
C ARG B 139 27.27 -14.04 1.98
N LEU B 140 26.98 -14.97 2.89
CA LEU B 140 25.87 -15.88 2.72
C LEU B 140 24.53 -15.14 2.68
N GLY B 141 24.33 -14.22 3.64
CA GLY B 141 23.11 -13.41 3.68
C GLY B 141 22.93 -12.67 2.37
N LEU B 142 23.97 -12.00 1.92
CA LEU B 142 23.90 -11.24 0.67
C LEU B 142 23.61 -12.13 -0.52
N ASP B 143 24.26 -13.30 -0.55
CA ASP B 143 24.04 -14.22 -1.65
C ASP B 143 22.59 -14.63 -1.78
N ILE B 144 21.96 -14.94 -0.66
CA ILE B 144 20.58 -15.42 -0.63
C ILE B 144 19.55 -14.28 -0.79
N MET B 145 19.72 -13.23 -0.02
CA MET B 145 18.68 -12.16 0.06
C MET B 145 18.84 -10.97 -0.82
N LEU B 146 20.02 -10.76 -1.37
CA LEU B 146 20.26 -9.72 -2.35
C LEU B 146 20.46 -10.32 -3.74
N ILE B 147 21.54 -11.11 -3.92
CA ILE B 147 21.80 -11.67 -5.24
C ILE B 147 20.67 -12.65 -5.60
N GLY B 148 20.17 -13.38 -4.61
CA GLY B 148 19.12 -14.37 -4.84
C GLY B 148 17.84 -13.78 -5.34
N VAL B 149 17.51 -12.59 -4.83
CA VAL B 149 16.37 -11.85 -5.33
C VAL B 149 16.65 -11.37 -6.75
N TRP B 150 17.84 -10.85 -6.98
CA TRP B 150 18.21 -10.39 -8.31
C TRP B 150 18.14 -11.53 -9.33
N ASN B 151 18.66 -12.70 -8.94
CA ASN B 151 18.53 -13.89 -9.78
C ASN B 151 17.07 -14.21 -10.12
N THR B 152 16.20 -14.10 -9.13
CA THR B 152 14.78 -14.44 -9.29
C THR B 152 14.11 -13.54 -10.29
N PHE B 153 14.45 -12.26 -10.27
CA PHE B 153 13.95 -11.33 -11.29
C PHE B 153 14.58 -11.63 -12.66
N GLN B 154 15.90 -11.86 -12.67
CA GLN B 154 16.61 -12.07 -13.92
C GLN B 154 16.10 -13.25 -14.76
N VAL B 155 15.73 -14.34 -14.11
CA VAL B 155 15.24 -15.52 -14.84
C VAL B 155 13.87 -15.31 -15.49
N ALA B 156 13.15 -14.26 -15.07
CA ALA B 156 11.78 -14.02 -15.50
C ALA B 156 11.61 -12.93 -16.54
N ILE B 157 12.45 -11.89 -16.47
CA ILE B 157 12.21 -10.68 -17.25
C ILE B 157 12.21 -10.91 -18.74
N PRO B 158 13.22 -11.64 -19.26
CA PRO B 158 13.23 -11.89 -20.71
C PRO B 158 11.94 -12.51 -21.25
N HIS B 159 11.41 -13.46 -20.49
CA HIS B 159 10.17 -14.11 -20.83
C HIS B 159 8.99 -13.13 -20.76
N MET B 160 8.89 -12.36 -19.68
CA MET B 160 7.79 -11.42 -19.54
C MET B 160 7.78 -10.40 -20.67
N LYS B 161 8.95 -9.93 -21.07
CA LYS B 161 9.05 -9.02 -22.19
C LYS B 161 8.64 -9.71 -23.49
N GLU B 162 9.21 -10.90 -23.73
CA GLU B 162 8.90 -11.72 -24.91
C GLU B 162 7.38 -11.88 -25.12
N ARG B 163 6.71 -12.45 -24.12
CA ARG B 163 5.28 -12.76 -24.20
C ARG B 163 4.40 -11.49 -24.26
N GLY B 164 4.92 -10.34 -23.86
CA GLY B 164 4.30 -9.04 -24.15
C GLY B 164 2.95 -8.78 -23.50
N GLN B 165 2.59 -9.55 -22.47
CA GLN B 165 1.36 -9.32 -21.71
C GLN B 165 1.66 -8.61 -20.38
N GLY B 166 2.78 -7.89 -20.31
CA GLY B 166 3.20 -7.24 -19.07
C GLY B 166 3.41 -8.26 -17.98
N GLY B 167 3.28 -7.84 -16.74
CA GLY B 167 3.41 -8.76 -15.61
C GLY B 167 3.67 -8.08 -14.31
N ASN B 168 4.05 -8.87 -13.31
CA ASN B 168 4.29 -8.39 -11.96
C ASN B 168 5.52 -9.06 -11.34
N LEU B 169 6.41 -8.24 -10.79
CA LEU B 169 7.46 -8.69 -9.90
C LEU B 169 7.25 -8.18 -8.49
N ILE B 170 7.44 -9.05 -7.51
CA ILE B 170 7.26 -8.72 -6.10
C ILE B 170 8.52 -9.19 -5.34
N ALA B 171 9.08 -8.31 -4.51
CA ALA B 171 10.18 -8.71 -3.62
C ALA B 171 9.77 -8.54 -2.19
N THR B 172 10.19 -9.47 -1.35
CA THR B 172 9.94 -9.39 0.07
C THR B 172 11.09 -8.69 0.79
N SER B 173 10.84 -7.47 1.27
CA SER B 173 11.78 -6.74 2.08
C SER B 173 11.50 -7.08 3.52
N SER B 174 11.79 -6.17 4.45
CA SER B 174 11.55 -6.40 5.88
C SER B 174 11.50 -5.07 6.62
N MET B 175 10.49 -4.90 7.46
CA MET B 175 10.27 -3.63 8.20
C MET B 175 11.40 -3.44 9.19
N ILE B 176 11.74 -4.53 9.89
CA ILE B 176 12.74 -4.47 10.94
C ILE B 176 14.07 -4.05 10.36
N ALA B 177 14.31 -4.49 9.13
CA ALA B 177 15.53 -4.11 8.45
C ALA B 177 15.50 -2.63 8.09
N LEU B 178 14.35 -2.12 7.67
CA LEU B 178 14.23 -0.68 7.36
C LEU B 178 14.16 0.24 8.59
N LEU B 179 14.34 -0.29 9.79
CA LEU B 179 14.41 0.51 10.98
C LEU B 179 15.80 0.65 11.59
N ASP B 180 16.82 0.19 10.86
CA ASP B 180 18.23 0.46 11.20
C ASP B 180 18.68 -0.14 12.53
N LEU B 181 18.33 -1.41 12.72
CA LEU B 181 18.70 -2.15 13.91
C LEU B 181 19.71 -3.23 13.52
N THR B 182 20.91 -3.16 14.09
CA THR B 182 21.90 -4.20 13.84
C THR B 182 22.66 -4.42 15.11
N ASP B 183 23.19 -5.63 15.26
CA ASP B 183 24.17 -5.86 16.30
C ASP B 183 25.58 -5.80 15.73
N GLY B 184 25.71 -5.50 14.43
CA GLY B 184 27.03 -5.34 13.84
C GLY B 184 27.76 -6.68 13.58
N ARG B 185 27.03 -7.78 13.72
CA ARG B 185 27.54 -9.09 13.29
C ARG B 185 27.27 -9.22 11.80
N GLY B 186 27.98 -10.13 11.14
CA GLY B 186 27.92 -10.19 9.70
C GLY B 186 26.54 -10.56 9.20
N GLY B 187 25.91 -11.52 9.89
CA GLY B 187 24.62 -12.03 9.46
C GLY B 187 23.55 -10.97 9.57
N THR B 188 23.51 -10.29 10.69
CA THR B 188 22.55 -9.21 10.89
C THR B 188 22.72 -8.11 9.84
N ASP B 189 23.96 -7.72 9.61
CA ASP B 189 24.26 -6.70 8.60
C ASP B 189 23.88 -7.13 7.21
N ALA B 190 24.09 -8.43 6.87
CA ALA B 190 23.63 -8.92 5.57
C ALA B 190 22.12 -8.76 5.39
N TYR B 191 21.38 -9.06 6.43
CA TYR B 191 19.93 -9.05 6.38
C TYR B 191 19.44 -7.59 6.17
N LEU B 192 19.97 -6.69 7.00
CA LEU B 192 19.63 -5.28 6.91
C LEU B 192 19.96 -4.70 5.52
N THR B 193 21.21 -4.88 5.10
CA THR B 193 21.64 -4.34 3.82
C THR B 193 20.92 -4.98 2.61
N SER B 194 20.66 -6.28 2.64
CA SER B 194 19.92 -6.94 1.54
C SER B 194 18.49 -6.44 1.43
N LYS B 195 17.82 -6.42 2.58
CA LYS B 195 16.41 -6.03 2.63
C LYS B 195 16.25 -4.57 2.25
N LEU B 196 17.21 -3.72 2.60
CA LEU B 196 17.15 -2.32 2.11
C LEU B 196 17.46 -2.23 0.64
N ALA B 197 18.51 -2.92 0.23
CA ALA B 197 18.93 -2.89 -1.16
C ALA B 197 17.81 -3.28 -2.10
N ILE B 198 17.05 -4.27 -1.71
CA ILE B 198 16.02 -4.75 -2.62
C ILE B 198 14.88 -3.74 -2.82
N THR B 199 14.69 -2.81 -1.88
CA THR B 199 13.74 -1.70 -2.13
C THR B 199 14.24 -0.82 -3.28
N GLY B 200 15.56 -0.70 -3.42
CA GLY B 200 16.13 0.00 -4.58
C GLY B 200 15.94 -0.76 -5.87
N LEU B 201 16.10 -2.08 -5.82
CA LEU B 201 15.81 -2.91 -6.98
C LEU B 201 14.35 -2.74 -7.39
N VAL B 202 13.46 -2.75 -6.41
CA VAL B 202 12.03 -2.53 -6.68
C VAL B 202 11.77 -1.21 -7.39
N ARG B 203 12.24 -0.12 -6.82
CA ARG B 203 11.97 1.19 -7.41
C ARG B 203 12.63 1.35 -8.77
N SER B 204 13.89 0.92 -8.90
CA SER B 204 14.61 1.10 -10.15
C SER B 204 14.05 0.22 -11.25
N TYR B 205 13.66 -1.00 -10.90
CA TYR B 205 13.12 -1.93 -11.92
C TYR B 205 11.70 -1.49 -12.31
N ALA B 206 10.94 -0.95 -11.36
CA ALA B 206 9.64 -0.37 -11.69
C ALA B 206 9.78 0.66 -12.81
N LEU B 207 10.75 1.54 -12.68
CA LEU B 207 10.95 2.57 -13.69
C LEU B 207 11.42 1.92 -14.99
N MET B 208 12.42 1.06 -14.89
CA MET B 208 13.01 0.43 -16.05
C MET B 208 11.95 -0.32 -16.86
N LEU B 209 11.14 -1.11 -16.17
CA LEU B 209 10.21 -2.01 -16.84
C LEU B 209 8.81 -1.43 -17.13
N ALA B 210 8.56 -0.20 -16.69
CA ALA B 210 7.23 0.40 -16.89
C ALA B 210 6.75 0.27 -18.32
N ALA B 211 7.60 0.64 -19.28
CA ALA B 211 7.23 0.63 -20.68
C ALA B 211 6.91 -0.78 -21.21
N ASP B 212 7.40 -1.82 -20.53
CA ASP B 212 7.02 -3.21 -20.83
C ASP B 212 5.79 -3.68 -20.04
N ARG B 213 5.14 -2.75 -19.36
CA ARG B 213 3.98 -3.05 -18.53
C ARG B 213 4.25 -4.11 -17.47
N ILE B 214 5.50 -4.21 -17.01
CA ILE B 214 5.81 -5.08 -15.90
C ILE B 214 5.84 -4.17 -14.68
N ARG B 215 4.96 -4.46 -13.72
CA ARG B 215 4.83 -3.61 -12.56
C ARG B 215 5.70 -4.31 -11.52
N VAL B 216 6.38 -3.52 -10.69
CA VAL B 216 7.30 -4.04 -9.72
C VAL B 216 7.06 -3.39 -8.37
N ASN B 217 6.85 -4.21 -7.36
CA ASN B 217 6.58 -3.70 -6.04
C ASN B 217 7.22 -4.62 -4.99
N GLY B 218 7.12 -4.17 -3.74
CA GLY B 218 7.54 -4.95 -2.63
C GLY B 218 6.60 -4.92 -1.45
N VAL B 219 6.89 -5.81 -0.51
CA VAL B 219 6.26 -5.81 0.78
C VAL B 219 7.32 -5.78 1.86
N ALA B 220 7.07 -5.00 2.91
CA ALA B 220 7.93 -4.99 4.08
C ALA B 220 7.19 -5.40 5.33
N PRO B 221 7.19 -6.72 5.63
CA PRO B 221 6.49 -7.18 6.81
C PRO B 221 7.20 -6.89 8.10
N THR B 222 6.41 -6.73 9.15
CA THR B 222 6.89 -6.70 10.53
C THR B 222 6.94 -8.18 10.92
N ASN B 223 7.14 -8.48 12.21
CA ASN B 223 7.33 -9.82 12.68
C ASN B 223 6.16 -10.66 12.25
N CYS B 224 6.45 -11.81 11.64
CA CYS B 224 5.43 -12.64 11.04
C CYS B 224 5.61 -14.05 11.63
N SER B 225 4.51 -14.66 12.09
CA SER B 225 4.58 -15.94 12.83
C SER B 225 4.95 -17.13 11.93
N THR B 226 6.24 -17.33 11.74
CA THR B 226 6.81 -18.44 10.96
C THR B 226 8.00 -19.02 11.75
N PRO B 227 8.54 -20.18 11.33
CA PRO B 227 9.62 -20.78 12.13
C PRO B 227 10.86 -19.89 12.27
N MET B 228 11.13 -19.10 11.25
CA MET B 228 12.22 -18.15 11.25
C MET B 228 12.20 -17.26 12.51
N ILE B 229 10.99 -17.05 13.03
CA ILE B 229 10.76 -16.34 14.28
C ILE B 229 10.37 -17.29 15.41
N THR B 230 9.44 -18.19 15.17
CA THR B 230 8.85 -18.97 16.24
C THR B 230 9.71 -20.15 16.71
N GLU B 231 10.76 -20.48 15.95
CA GLU B 231 11.63 -21.63 16.28
C GLU B 231 13.09 -21.26 16.07
N ASN B 232 13.46 -20.11 16.63
CA ASN B 232 14.77 -19.49 16.40
C ASN B 232 15.20 -18.71 17.66
N PRO B 233 15.58 -19.44 18.71
CA PRO B 233 15.88 -18.81 20.00
C PRO B 233 17.03 -17.83 19.91
N ALA B 234 17.95 -18.11 18.98
CA ALA B 234 19.11 -17.28 18.72
C ALA B 234 18.71 -15.82 18.61
N LEU B 235 17.68 -15.57 17.79
CA LEU B 235 17.15 -14.22 17.58
C LEU B 235 16.77 -13.51 18.90
N PHE B 236 16.00 -14.19 19.76
CA PHE B 236 15.56 -13.59 21.03
C PHE B 236 16.74 -13.26 21.96
N LYS B 237 17.78 -14.09 21.93
CA LYS B 237 18.98 -13.88 22.73
C LYS B 237 19.84 -12.69 22.22
N VAL B 238 19.79 -12.40 20.92
CA VAL B 238 20.54 -11.26 20.36
C VAL B 238 19.92 -9.89 20.71
N ILE B 239 18.59 -9.80 20.69
CA ILE B 239 17.86 -8.58 21.13
C ILE B 239 17.88 -8.44 22.67
N GLU B 240 17.91 -9.59 23.38
CA GLU B 240 18.09 -9.61 24.84
C GLU B 240 19.51 -9.18 25.24
N GLU B 241 20.47 -9.34 24.34
CA GLU B 241 21.88 -9.02 24.63
C GLU B 241 22.27 -7.57 24.33
N ASN B 242 21.45 -6.83 23.57
CA ASN B 242 21.78 -5.44 23.17
C ASN B 242 20.76 -4.40 23.66
N PRO B 243 21.19 -3.46 24.53
CA PRO B 243 20.32 -2.39 25.04
C PRO B 243 19.58 -1.58 23.96
N HIS B 244 20.25 -1.26 22.84
CA HIS B 244 19.64 -0.46 21.76
C HIS B 244 18.61 -1.24 20.88
N LEU B 245 18.56 -2.56 21.07
CA LEU B 245 17.58 -3.43 20.40
C LEU B 245 16.45 -3.93 21.35
N VAL B 246 16.27 -3.28 22.51
CA VAL B 246 15.28 -3.72 23.51
C VAL B 246 13.84 -3.71 22.95
N ASN B 247 13.48 -2.68 22.19
CA ASN B 247 12.15 -2.56 21.56
C ASN B 247 12.21 -2.73 20.03
N ALA B 248 13.08 -3.62 19.59
CA ALA B 248 13.32 -3.83 18.15
C ALA B 248 12.12 -4.40 17.39
N MET B 249 11.32 -5.21 18.08
CA MET B 249 10.23 -5.92 17.44
C MET B 249 8.84 -5.33 17.71
N SER B 250 8.73 -4.35 18.61
CA SER B 250 7.39 -3.90 19.00
C SER B 250 6.64 -3.22 17.84
N THR B 251 5.35 -3.55 17.72
CA THR B 251 4.45 -2.94 16.75
C THR B 251 3.49 -2.02 17.50
N ALA B 252 2.65 -1.31 16.75
CA ALA B 252 1.73 -0.32 17.36
C ALA B 252 0.39 -0.96 17.75
N LEU B 253 -0.19 -1.71 16.82
CA LEU B 253 -1.54 -2.21 17.00
C LEU B 253 -1.57 -3.32 18.06
N PRO B 254 -2.48 -3.20 19.05
CA PRO B 254 -2.49 -4.15 20.16
C PRO B 254 -2.77 -5.59 19.73
N ASP B 255 -3.56 -5.77 18.68
CA ASP B 255 -3.93 -7.10 18.19
C ASP B 255 -2.86 -7.75 17.32
N PHE B 256 -1.77 -7.04 17.01
CA PHE B 256 -0.76 -7.55 16.11
C PHE B 256 0.64 -7.36 16.68
N PRO B 257 0.94 -8.03 17.81
CA PRO B 257 2.32 -8.14 18.28
C PRO B 257 3.17 -8.91 17.24
N MET B 258 2.55 -9.86 16.55
CA MET B 258 3.00 -10.21 15.21
C MET B 258 1.84 -10.31 14.23
N ILE B 259 2.17 -10.36 12.94
CA ILE B 259 1.21 -10.60 11.88
C ILE B 259 1.26 -12.07 11.43
N GLU B 260 0.28 -12.44 10.60
CA GLU B 260 0.21 -13.77 10.04
C GLU B 260 0.63 -13.70 8.59
N PRO B 261 1.12 -14.83 8.06
CA PRO B 261 1.50 -14.87 6.66
C PRO B 261 0.42 -14.39 5.71
N ARG B 262 -0.83 -14.69 5.99
CA ARG B 262 -1.91 -14.26 5.10
C ARG B 262 -2.00 -12.74 4.98
N ASP B 263 -1.57 -12.02 5.99
CA ASP B 263 -1.53 -10.54 5.89
C ASP B 263 -0.58 -10.10 4.77
N VAL B 264 0.55 -10.82 4.65
CA VAL B 264 1.51 -10.48 3.62
C VAL B 264 0.93 -10.89 2.27
N SER B 265 0.35 -12.08 2.20
CA SER B 265 -0.24 -12.55 0.96
C SER B 265 -1.34 -11.60 0.48
N ASN B 266 -2.16 -11.15 1.40
CA ASN B 266 -3.23 -10.20 1.04
C ASN B 266 -2.72 -8.88 0.44
N ALA B 267 -1.58 -8.40 0.93
CA ALA B 267 -0.97 -7.23 0.36
C ALA B 267 -0.46 -7.45 -1.02
N ILE B 268 0.15 -8.63 -1.23
CA ILE B 268 0.60 -8.97 -2.53
C ILE B 268 -0.57 -9.12 -3.48
N LEU B 269 -1.60 -9.82 -3.04
CA LEU B 269 -2.81 -9.98 -3.86
C LEU B 269 -3.39 -8.64 -4.32
N PHE B 270 -3.40 -7.66 -3.41
CA PHE B 270 -3.87 -6.35 -3.78
C PHE B 270 -3.02 -5.78 -4.90
N LEU B 271 -1.69 -5.89 -4.74
CA LEU B 271 -0.76 -5.25 -5.65
C LEU B 271 -0.84 -5.86 -7.03
N ILE B 272 -0.92 -7.19 -7.09
CA ILE B 272 -0.84 -7.86 -8.36
C ILE B 272 -2.18 -8.06 -9.05
N SER B 273 -3.27 -7.69 -8.37
CA SER B 273 -4.60 -7.80 -8.96
C SER B 273 -5.09 -6.48 -9.57
N ASP B 274 -6.24 -6.53 -10.23
CA ASP B 274 -6.86 -5.33 -10.78
C ASP B 274 -7.11 -4.20 -9.74
N ALA B 275 -7.39 -4.58 -8.50
CA ALA B 275 -7.59 -3.64 -7.42
C ALA B 275 -6.41 -2.69 -7.25
N GLY B 276 -5.20 -3.21 -7.43
CA GLY B 276 -3.95 -2.44 -7.24
C GLY B 276 -3.24 -2.15 -8.55
N ARG B 277 -4.02 -2.06 -9.61
CA ARG B 277 -3.52 -2.07 -10.98
C ARG B 277 -2.56 -0.97 -11.35
N SER B 278 -2.65 0.17 -10.66
CA SER B 278 -1.79 1.32 -10.96
C SER B 278 -0.52 1.38 -10.10
N PHE B 279 -0.31 0.39 -9.24
CA PHE B 279 0.80 0.41 -8.30
C PHE B 279 2.05 -0.11 -8.95
N THR B 280 3.11 0.68 -8.94
CA THR B 280 4.42 0.19 -9.31
C THR B 280 5.42 1.10 -8.64
N GLY B 281 6.50 0.50 -8.18
CA GLY B 281 7.50 1.25 -7.43
C GLY B 281 7.20 1.37 -5.97
N SER B 282 6.14 0.71 -5.48
CA SER B 282 5.76 0.82 -4.07
C SER B 282 6.29 -0.36 -3.26
N VAL B 283 6.55 -0.08 -1.99
CA VAL B 283 6.85 -1.08 -0.95
C VAL B 283 5.84 -0.92 0.17
N LEU B 284 4.91 -1.86 0.31
CA LEU B 284 3.85 -1.72 1.27
C LEU B 284 4.34 -2.23 2.59
N LYS B 285 4.08 -1.46 3.63
CA LYS B 285 4.44 -1.82 4.98
C LYS B 285 3.30 -2.59 5.62
N VAL B 286 3.47 -3.90 5.73
CA VAL B 286 2.53 -4.76 6.40
C VAL B 286 3.02 -4.86 7.83
N ASP B 287 2.81 -3.81 8.63
CA ASP B 287 3.66 -3.60 9.80
C ASP B 287 2.99 -3.40 11.13
N ALA B 288 1.67 -3.40 11.15
CA ALA B 288 0.94 -3.10 12.38
C ALA B 288 1.45 -1.83 13.05
N GLY B 289 1.84 -0.86 12.23
CA GLY B 289 2.31 0.43 12.71
C GLY B 289 3.74 0.51 13.22
N MET B 290 4.52 -0.57 13.03
CA MET B 290 5.91 -0.60 13.47
C MET B 290 6.68 0.65 13.00
N ASP B 291 6.45 1.06 11.75
CA ASP B 291 7.16 2.20 11.17
C ASP B 291 6.93 3.52 11.93
N VAL B 292 5.77 3.68 12.58
CA VAL B 292 5.52 4.92 13.34
C VAL B 292 5.75 4.74 14.81
N LYS B 293 6.07 3.53 15.25
CA LYS B 293 6.16 3.24 16.68
C LYS B 293 7.45 3.81 17.24
N ARG B 294 7.29 4.54 18.33
CA ARG B 294 8.31 5.44 18.83
C ARG B 294 8.15 5.43 20.34
PA NAD C . -13.32 16.98 -7.43
O1A NAD C . -13.13 18.47 -7.54
O2A NAD C . -14.07 16.26 -8.55
O5B NAD C . -13.98 16.53 -6.05
C5B NAD C . -13.72 17.26 -4.84
C4B NAD C . -15.04 17.54 -4.13
O4B NAD C . -14.73 18.19 -2.88
C3B NAD C . -16.02 18.47 -4.87
O3B NAD C . -17.32 17.89 -4.94
C2B NAD C . -16.05 19.74 -4.03
O2B NAD C . -17.30 20.44 -4.03
C1B NAD C . -15.70 19.21 -2.65
N9A NAD C . -15.22 20.28 -1.74
C8A NAD C . -14.31 21.22 -2.05
N7A NAD C . -14.09 22.04 -1.00
C5A NAD C . -14.89 21.62 -0.01
C6A NAD C . -15.18 22.07 1.36
N6A NAD C . -14.52 23.12 1.85
N1A NAD C . -16.08 21.36 2.07
C2A NAD C . -16.72 20.30 1.56
N3A NAD C . -16.52 19.86 0.31
C4A NAD C . -15.62 20.46 -0.50
O3 NAD C . -11.84 16.40 -7.33
PN NAD C . -11.32 14.99 -6.77
O1N NAD C . -12.46 14.03 -6.57
O2N NAD C . -10.17 14.63 -7.69
O5D NAD C . -10.68 15.44 -5.40
C5D NAD C . -10.74 14.63 -4.22
C4D NAD C . -9.43 14.79 -3.43
O4D NAD C . -8.33 14.23 -4.13
C3D NAD C . -9.03 16.24 -3.20
O3D NAD C . -8.57 16.39 -1.87
C2D NAD C . -7.80 16.51 -4.02
O2D NAD C . -6.97 17.47 -3.35
C1D NAD C . -7.20 15.11 -4.09
N1N NAD C . -6.37 14.82 -5.24
C2N NAD C . -6.85 14.95 -6.50
C3N NAD C . -6.04 14.64 -7.59
C7N NAD C . -6.52 14.76 -8.99
O7N NAD C . -5.66 14.66 -9.85
N7N NAD C . -7.81 14.95 -9.31
C4N NAD C . -4.72 14.17 -7.39
C5N NAD C . -4.27 14.01 -6.09
C6N NAD C . -5.10 14.33 -5.03
PA NAD D . 10.46 -19.27 6.68
O1A NAD D . 11.89 -19.49 7.05
O2A NAD D . 9.35 -19.99 7.42
O5B NAD D . 10.26 -19.38 5.10
C5B NAD D . 11.29 -19.06 4.18
C4B NAD D . 11.51 -20.23 3.23
O4B NAD D . 12.58 -19.89 2.31
C3B NAD D . 11.90 -21.54 3.89
O3B NAD D . 11.05 -22.60 3.39
C2B NAD D . 13.34 -21.73 3.44
O2B NAD D . 13.73 -23.11 3.27
C1B NAD D . 13.38 -21.00 2.11
N9A NAD D . 14.76 -20.64 1.70
C8A NAD D . 15.72 -20.15 2.49
N7A NAD D . 16.84 -19.94 1.80
C5A NAD D . 16.63 -20.34 0.53
C6A NAD D . 17.43 -20.39 -0.70
N6A NAD D . 18.73 -20.00 -0.68
N1A NAD D . 16.86 -20.83 -1.84
C2A NAD D . 15.55 -21.24 -1.85
N3A NAD D . 14.75 -21.23 -0.75
C4A NAD D . 15.24 -20.78 0.46
O3 NAD D . 10.29 -17.67 7.02
PN NAD D . 9.24 -16.62 6.39
O1N NAD D . 8.81 -15.71 7.53
O2N NAD D . 8.14 -17.27 5.60
O5D NAD D . 10.21 -15.83 5.39
C5D NAD D . 9.80 -15.42 4.08
C4D NAD D . 10.44 -14.06 3.74
O4D NAD D . 9.94 -13.05 4.62
C3D NAD D . 11.96 -14.02 3.87
O3D NAD D . 12.57 -13.31 2.78
C2D NAD D . 12.19 -13.32 5.19
O2D NAD D . 13.48 -12.71 5.25
C1D NAD D . 11.05 -12.30 5.13
N1N NAD D . 10.62 -11.69 6.38
C2N NAD D . 10.23 -12.44 7.42
C3N NAD D . 9.75 -11.84 8.59
C7N NAD D . 9.35 -12.63 9.80
O7N NAD D . 9.24 -12.10 10.91
N7N NAD D . 9.09 -13.94 9.69
C4N NAD D . 9.68 -10.42 8.62
C5N NAD D . 10.03 -9.69 7.52
C6N NAD D . 10.50 -10.33 6.40
#